data_7RQG
#
_entry.id   7RQG
#
_cell.length_a   41.590
_cell.length_b   49.141
_cell.length_c   54.630
_cell.angle_alpha   80.217
_cell.angle_beta   89.649
_cell.angle_gamma   77.938
#
_symmetry.space_group_name_H-M   'P 1'
#
loop_
_entity.id
_entity.type
_entity.pdbx_description
1 polymer 'Non-structural protein 3'
2 water water
#
_entity_poly.entity_id   1
_entity_poly.type   'polypeptide(L)'
_entity_poly.pdbx_seq_one_letter_code
;AGDIEVTGDSCNNYMLTYNKVENMTPRDLGACIDCSARHINAQVAKSHNIALIWNVKDFMSLSEQLRKQIRSAAKKNNLP
FKLTCATTRQVVNVVTTKIALKGG
;
_entity_poly.pdbx_strand_id   A,B,C,D
#
# COMPACT_ATOMS: atom_id res chain seq x y z
N ALA A 1 -16.55 8.15 16.37
CA ALA A 1 -16.82 8.93 15.16
C ALA A 1 -17.79 8.21 14.23
N GLY A 2 -17.33 7.82 13.06
CA GLY A 2 -18.11 6.91 12.26
C GLY A 2 -17.90 7.09 10.78
N ASP A 3 -18.86 6.54 10.03
CA ASP A 3 -18.71 6.09 8.67
C ASP A 3 -18.21 7.16 7.71
N ILE A 4 -17.19 6.80 6.93
CA ILE A 4 -16.70 7.58 5.79
C ILE A 4 -16.71 6.68 4.57
N GLU A 5 -17.03 7.24 3.41
CA GLU A 5 -17.06 6.43 2.19
C GLU A 5 -15.64 6.12 1.74
N VAL A 6 -15.43 4.88 1.31
CA VAL A 6 -14.14 4.44 0.78
C VAL A 6 -14.30 4.20 -0.72
N THR A 7 -13.55 4.95 -1.51
CA THR A 7 -13.57 4.83 -2.96
C THR A 7 -12.27 4.20 -3.44
N GLY A 8 -12.24 3.87 -4.74
CA GLY A 8 -11.09 3.23 -5.32
C GLY A 8 -10.35 4.07 -6.33
N ASP A 9 -10.85 5.26 -6.63
CA ASP A 9 -10.24 6.11 -7.63
C ASP A 9 -9.18 7.01 -6.99
N SER A 10 -8.60 7.89 -7.80
CA SER A 10 -7.48 8.71 -7.38
C SER A 10 -7.89 9.69 -6.28
N CYS A 11 -6.92 10.07 -5.46
CA CYS A 11 -7.13 11.04 -4.40
C CYS A 11 -6.72 12.43 -4.88
N ASN A 12 -7.13 13.44 -4.12
CA ASN A 12 -6.67 14.80 -4.33
C ASN A 12 -6.07 15.44 -3.08
N ASN A 13 -6.33 14.89 -1.89
CA ASN A 13 -5.88 15.47 -0.63
C ASN A 13 -6.27 16.93 -0.52
N TYR A 14 -7.47 17.24 -1.01
CA TYR A 14 -8.00 18.60 -0.96
C TYR A 14 -8.61 18.85 0.42
N MET A 15 -8.38 20.06 0.92
CA MET A 15 -9.03 20.51 2.14
C MET A 15 -9.54 21.93 1.91
N LEU A 16 -10.63 22.27 2.57
CA LEU A 16 -11.28 23.56 2.34
C LEU A 16 -10.43 24.70 2.88
N THR A 17 -10.61 25.88 2.29
CA THR A 17 -9.90 27.07 2.75
C THR A 17 -10.33 27.50 4.15
N TYR A 18 -11.46 26.98 4.64
CA TYR A 18 -11.86 27.27 6.01
C TYR A 18 -10.85 26.77 7.01
N ASN A 19 -10.14 25.69 6.70
CA ASN A 19 -9.04 25.20 7.52
C ASN A 19 -7.82 26.06 7.25
N LYS A 20 -7.69 27.16 8.00
CA LYS A 20 -6.64 28.13 7.74
C LYS A 20 -5.26 27.54 8.02
N VAL A 21 -4.25 28.08 7.32
CA VAL A 21 -2.90 27.54 7.43
C VAL A 21 -2.27 27.93 8.77
N GLU A 22 -2.47 29.19 9.20
CA GLU A 22 -1.85 29.64 10.44
C GLU A 22 -2.39 28.92 11.67
N ASN A 23 -3.54 28.28 11.57
CA ASN A 23 -4.15 27.59 12.70
C ASN A 23 -3.70 26.14 12.84
N MET A 24 -2.78 25.66 12.01
CA MET A 24 -2.27 24.32 12.15
C MET A 24 -0.98 24.32 12.94
N THR A 25 -0.69 23.19 13.58
CA THR A 25 0.57 23.01 14.27
C THR A 25 1.69 22.82 13.25
N PRO A 26 2.94 23.08 13.64
CA PRO A 26 4.07 22.77 12.74
C PRO A 26 4.08 21.32 12.29
N ARG A 27 3.60 20.40 13.13
CA ARG A 27 3.54 18.99 12.74
C ARG A 27 2.57 18.77 11.59
N ASP A 28 1.34 19.30 11.71
CA ASP A 28 0.34 19.09 10.67
C ASP A 28 0.70 19.85 9.39
N LEU A 29 1.33 21.01 9.51
CA LEU A 29 1.79 21.72 8.33
C LEU A 29 2.81 20.88 7.55
N GLY A 30 3.75 20.26 8.26
CA GLY A 30 4.71 19.40 7.58
C GLY A 30 4.07 18.19 6.95
N ALA A 31 3.05 17.62 7.60
CA ALA A 31 2.37 16.46 7.04
C ALA A 31 1.61 16.83 5.77
N CYS A 32 1.02 18.04 5.74
CA CYS A 32 0.31 18.47 4.54
C CYS A 32 1.25 18.67 3.37
N ILE A 33 2.42 19.28 3.63
CA ILE A 33 3.41 19.46 2.57
C ILE A 33 3.95 18.11 2.10
N ASP A 34 4.14 17.17 3.04
CA ASP A 34 4.72 15.88 2.68
C ASP A 34 3.79 15.08 1.78
N CYS A 35 2.47 15.28 1.90
CA CYS A 35 1.50 14.59 1.06
C CYS A 35 0.92 15.50 -0.01
N SER A 36 1.48 16.69 -0.18
CA SER A 36 1.08 17.63 -1.24
C SER A 36 -0.42 17.94 -1.16
N ALA A 37 -0.90 18.22 0.05
CA ALA A 37 -2.27 18.66 0.22
C ALA A 37 -2.46 20.06 -0.35
N ARG A 38 -3.68 20.35 -0.81
CA ARG A 38 -3.96 21.62 -1.46
C ARG A 38 -5.26 22.21 -0.93
N HIS A 39 -5.35 23.53 -1.02
CA HIS A 39 -6.53 24.28 -0.58
C HIS A 39 -7.48 24.48 -1.75
N ILE A 40 -8.78 24.31 -1.48
CA ILE A 40 -9.81 24.56 -2.47
C ILE A 40 -10.96 25.31 -1.81
N ASN A 41 -11.48 26.31 -2.51
CA ASN A 41 -12.60 27.08 -1.99
C ASN A 41 -13.86 26.21 -1.98
N ALA A 42 -14.66 26.37 -0.92
CA ALA A 42 -15.83 25.50 -0.74
C ALA A 42 -16.83 25.66 -1.88
N GLN A 43 -17.24 26.90 -2.15
CA GLN A 43 -18.17 27.14 -3.26
C GLN A 43 -17.55 26.74 -4.59
N VAL A 44 -16.23 26.92 -4.74
CA VAL A 44 -15.55 26.45 -5.94
C VAL A 44 -15.68 24.95 -6.08
N ALA A 45 -15.52 24.21 -4.97
CA ALA A 45 -15.62 22.76 -5.03
C ALA A 45 -17.05 22.30 -5.31
N LYS A 46 -18.04 23.02 -4.79
CA LYS A 46 -19.43 22.60 -4.98
C LYS A 46 -19.87 22.76 -6.42
N SER A 47 -19.42 23.82 -7.10
CA SER A 47 -19.83 24.06 -8.48
C SER A 47 -19.23 23.02 -9.41
N HIS A 48 -17.97 22.64 -9.18
CA HIS A 48 -17.30 21.65 -10.01
C HIS A 48 -17.58 20.22 -9.56
N ASN A 49 -18.46 20.02 -8.58
CA ASN A 49 -18.79 18.70 -8.04
C ASN A 49 -17.54 17.96 -7.61
N ILE A 50 -16.67 18.66 -6.89
CA ILE A 50 -15.42 18.08 -6.40
C ILE A 50 -15.64 17.55 -5.00
N ALA A 51 -15.25 16.30 -4.78
CA ALA A 51 -15.30 15.68 -3.47
C ALA A 51 -13.92 15.68 -2.84
N LEU A 52 -13.89 15.64 -1.51
CA LEU A 52 -12.64 15.58 -0.75
C LEU A 52 -12.22 14.11 -0.67
N ILE A 53 -11.25 13.72 -1.48
CA ILE A 53 -10.77 12.34 -1.55
C ILE A 53 -9.34 12.33 -1.04
N TRP A 54 -9.13 11.75 0.13
CA TRP A 54 -7.83 11.70 0.78
C TRP A 54 -7.28 10.28 0.76
N ASN A 55 -5.99 10.17 0.49
CA ASN A 55 -5.31 8.88 0.67
C ASN A 55 -5.29 8.53 2.15
N VAL A 56 -5.57 7.26 2.45
CA VAL A 56 -5.73 6.83 3.84
C VAL A 56 -4.44 7.10 4.63
N LYS A 57 -3.30 6.71 4.06
CA LYS A 57 -2.03 6.89 4.77
C LYS A 57 -1.73 8.37 4.98
N ASP A 58 -2.07 9.21 4.00
CA ASP A 58 -1.85 10.65 4.14
C ASP A 58 -2.78 11.25 5.19
N PHE A 59 -4.06 10.85 5.16
CA PHE A 59 -4.99 11.31 6.19
C PHE A 59 -4.54 10.87 7.58
N MET A 60 -3.98 9.67 7.69
CA MET A 60 -3.48 9.18 8.97
C MET A 60 -2.34 10.04 9.49
N SER A 61 -1.50 10.57 8.58
CA SER A 61 -0.34 11.33 9.00
C SER A 61 -0.72 12.63 9.70
N LEU A 62 -1.96 13.10 9.54
CA LEU A 62 -2.41 14.30 10.21
C LEU A 62 -2.82 13.99 11.65
N SER A 63 -2.66 14.99 12.52
CA SER A 63 -3.15 14.87 13.88
C SER A 63 -4.67 14.71 13.87
N GLU A 64 -5.19 14.01 14.86
CA GLU A 64 -6.64 13.85 14.95
C GLU A 64 -7.35 15.20 15.08
N GLN A 65 -6.69 16.21 15.65
CA GLN A 65 -7.28 17.54 15.69
C GLN A 65 -7.63 18.02 14.28
N LEU A 66 -6.65 18.05 13.39
CA LEU A 66 -6.89 18.51 12.03
C LEU A 66 -7.78 17.54 11.26
N ARG A 67 -7.67 16.24 11.52
CA ARG A 67 -8.51 15.26 10.85
C ARG A 67 -9.99 15.56 11.06
N LYS A 68 -10.37 15.85 12.31
CA LYS A 68 -11.75 16.23 12.58
C LYS A 68 -12.11 17.57 11.96
N GLN A 69 -11.15 18.50 11.89
CA GLN A 69 -11.45 19.82 11.34
C GLN A 69 -11.74 19.76 9.85
N ILE A 70 -11.07 18.88 9.12
CA ILE A 70 -11.28 18.77 7.69
C ILE A 70 -12.67 18.18 7.40
N ARG A 71 -12.99 17.07 8.05
CA ARG A 71 -14.29 16.43 7.83
C ARG A 71 -15.44 17.31 8.30
N SER A 72 -15.22 18.10 9.35
CA SER A 72 -16.27 18.99 9.83
C SER A 72 -16.55 20.12 8.85
N ALA A 73 -15.50 20.63 8.20
CA ALA A 73 -15.69 21.68 7.20
C ALA A 73 -16.41 21.15 5.98
N ALA A 74 -16.10 19.91 5.57
CA ALA A 74 -16.78 19.32 4.42
C ALA A 74 -18.26 19.11 4.72
N LYS A 75 -18.59 18.65 5.93
CA LYS A 75 -19.99 18.46 6.31
C LYS A 75 -20.71 19.80 6.42
N LYS A 76 -20.03 20.82 6.97
CA LYS A 76 -20.65 22.13 7.10
C LYS A 76 -21.05 22.70 5.74
N ASN A 77 -20.26 22.43 4.70
CA ASN A 77 -20.49 22.97 3.38
C ASN A 77 -21.16 21.94 2.45
N ASN A 78 -21.74 20.88 3.02
CA ASN A 78 -22.43 19.85 2.25
C ASN A 78 -21.53 19.25 1.17
N LEU A 79 -20.27 19.07 1.51
CA LEU A 79 -19.30 18.49 0.59
C LEU A 79 -18.95 17.07 1.03
N PRO A 80 -18.94 16.10 0.12
CA PRO A 80 -18.60 14.73 0.51
C PRO A 80 -17.11 14.59 0.79
N PHE A 81 -16.79 13.76 1.77
CA PHE A 81 -15.42 13.42 2.12
C PHE A 81 -15.23 11.92 1.97
N LYS A 82 -14.18 11.52 1.24
CA LYS A 82 -13.92 10.13 0.91
C LYS A 82 -12.49 9.77 1.27
N LEU A 83 -12.27 8.47 1.49
CA LEU A 83 -10.94 7.92 1.72
C LEU A 83 -10.63 6.92 0.62
N THR A 84 -9.34 6.73 0.34
CA THR A 84 -8.91 5.82 -0.70
C THR A 84 -7.49 5.35 -0.39
N CYS A 85 -7.15 4.17 -0.89
CA CYS A 85 -5.78 3.69 -0.85
C CYS A 85 -5.02 4.01 -2.13
N ALA A 86 -5.68 4.57 -3.13
CA ALA A 86 -5.00 4.96 -4.35
C ALA A 86 -3.97 6.04 -4.05
N THR A 87 -2.79 5.91 -4.67
CA THR A 87 -1.75 6.93 -4.56
C THR A 87 -1.70 7.82 -5.79
N THR A 88 -2.33 7.44 -6.89
CA THR A 88 -2.43 8.31 -8.04
C THR A 88 -3.26 9.55 -7.69
N ARG A 89 -2.90 10.67 -8.28
CA ARG A 89 -3.54 11.94 -7.99
C ARG A 89 -4.61 12.26 -9.03
N GLN A 90 -5.67 12.93 -8.58
CA GLN A 90 -6.73 13.38 -9.47
C GLN A 90 -6.18 14.42 -10.44
N VAL A 91 -6.55 14.28 -11.72
CA VAL A 91 -6.19 15.31 -12.69
C VAL A 91 -6.90 16.60 -12.32
N VAL A 92 -6.14 17.68 -12.23
CA VAL A 92 -6.63 18.93 -11.65
C VAL A 92 -7.22 19.78 -12.77
N ASN A 93 -8.54 19.91 -12.77
CA ASN A 93 -9.25 20.77 -13.70
C ASN A 93 -9.82 22.01 -13.02
N VAL A 94 -9.53 22.22 -11.74
CA VAL A 94 -10.06 23.33 -10.97
C VAL A 94 -8.90 23.98 -10.21
N VAL A 95 -8.95 25.30 -10.07
CA VAL A 95 -7.87 26.02 -9.43
C VAL A 95 -7.83 25.67 -7.93
N THR A 96 -6.65 25.26 -7.47
CA THR A 96 -6.41 24.99 -6.06
C THR A 96 -5.13 25.68 -5.64
N THR A 97 -4.96 25.83 -4.33
CA THR A 97 -3.81 26.53 -3.76
C THR A 97 -2.97 25.55 -2.96
N LYS A 98 -1.65 25.61 -3.16
CA LYS A 98 -0.73 24.77 -2.42
C LYS A 98 -0.68 25.21 -0.95
N ILE A 99 -0.74 24.24 -0.04
CA ILE A 99 -0.69 24.54 1.39
C ILE A 99 0.77 24.70 1.79
N ALA A 100 1.14 25.91 2.22
CA ALA A 100 2.50 26.22 2.64
C ALA A 100 2.45 27.56 3.37
N LEU A 101 3.62 27.99 3.87
CA LEU A 101 3.75 29.29 4.50
C LEU A 101 4.39 30.33 3.59
N LYS A 102 5.28 29.89 2.69
CA LYS A 102 5.98 30.72 1.69
C LYS A 102 6.07 32.21 2.02
N ASP B 3 14.22 3.11 -2.72
CA ASP B 3 13.21 2.39 -1.95
C ASP B 3 11.88 2.37 -2.72
N ILE B 4 11.33 1.17 -2.90
CA ILE B 4 10.13 0.99 -3.69
C ILE B 4 8.91 0.99 -2.78
N GLU B 5 7.74 1.17 -3.40
CA GLU B 5 6.46 1.10 -2.71
C GLU B 5 5.51 0.23 -3.52
N VAL B 6 4.72 -0.59 -2.80
CA VAL B 6 3.74 -1.47 -3.43
C VAL B 6 2.35 -0.98 -3.06
N THR B 7 1.47 -0.88 -4.06
CA THR B 7 0.12 -0.37 -3.87
C THR B 7 -0.84 -1.21 -4.71
N GLY B 8 -2.13 -0.92 -4.57
CA GLY B 8 -3.15 -1.62 -5.33
C GLY B 8 -3.69 -0.77 -6.45
N ASP B 9 -2.97 0.29 -6.81
CA ASP B 9 -3.39 1.16 -7.88
C ASP B 9 -3.22 0.47 -9.23
N SER B 10 -3.98 0.96 -10.21
CA SER B 10 -3.81 0.48 -11.57
C SER B 10 -2.42 0.89 -12.08
N CYS B 11 -1.76 -0.03 -12.78
CA CYS B 11 -0.43 0.26 -13.29
C CYS B 11 -0.50 1.23 -14.46
N ASN B 12 0.61 1.91 -14.71
CA ASN B 12 0.78 2.70 -15.91
C ASN B 12 1.99 2.30 -16.73
N ASN B 13 2.93 1.55 -16.16
CA ASN B 13 4.13 1.09 -16.88
C ASN B 13 4.85 2.27 -17.52
N TYR B 14 4.89 3.40 -16.82
CA TYR B 14 5.60 4.57 -17.30
C TYR B 14 7.10 4.41 -17.08
N MET B 15 7.89 4.88 -18.03
CA MET B 15 9.31 5.07 -17.83
C MET B 15 9.69 6.41 -18.45
N LEU B 16 10.69 7.05 -17.84
CA LEU B 16 11.10 8.36 -18.30
C LEU B 16 11.82 8.28 -19.64
N THR B 17 11.68 9.36 -20.43
CA THR B 17 12.39 9.43 -21.70
C THR B 17 13.89 9.40 -21.52
N TYR B 18 14.38 9.67 -20.30
CA TYR B 18 15.80 9.50 -19.99
C TYR B 18 16.27 8.08 -20.28
N ASN B 19 15.39 7.09 -20.13
CA ASN B 19 15.69 5.72 -20.54
C ASN B 19 15.43 5.61 -22.04
N LYS B 20 16.49 5.75 -22.83
CA LYS B 20 16.36 5.79 -24.27
C LYS B 20 16.11 4.41 -24.86
N VAL B 21 15.24 4.35 -25.86
CA VAL B 21 14.97 3.09 -26.55
C VAL B 21 16.22 2.58 -27.26
N GLU B 22 17.05 3.49 -27.78
CA GLU B 22 18.26 3.11 -28.49
C GLU B 22 19.25 2.38 -27.60
N ASN B 23 19.19 2.60 -26.28
CA ASN B 23 20.07 1.91 -25.34
C ASN B 23 19.54 0.54 -24.95
N MET B 24 18.36 0.16 -25.41
CA MET B 24 17.75 -1.09 -25.00
C MET B 24 18.21 -2.24 -25.89
N THR B 25 18.33 -3.42 -25.28
CA THR B 25 18.52 -4.63 -26.04
C THR B 25 17.23 -4.96 -26.79
N PRO B 26 17.32 -5.70 -27.89
CA PRO B 26 16.10 -6.09 -28.62
C PRO B 26 15.12 -6.87 -27.75
N ARG B 27 15.62 -7.68 -26.81
CA ARG B 27 14.72 -8.41 -25.92
C ARG B 27 13.99 -7.46 -24.98
N ASP B 28 14.70 -6.48 -24.42
CA ASP B 28 14.07 -5.54 -23.50
C ASP B 28 13.04 -4.66 -24.21
N LEU B 29 13.36 -4.23 -25.43
CA LEU B 29 12.40 -3.44 -26.20
C LEU B 29 11.15 -4.23 -26.52
N GLY B 30 11.31 -5.50 -26.90
CA GLY B 30 10.16 -6.34 -27.14
C GLY B 30 9.34 -6.61 -25.88
N ALA B 31 10.00 -6.63 -24.72
CA ALA B 31 9.28 -6.81 -23.47
C ALA B 31 8.47 -5.57 -23.12
N CYS B 32 9.02 -4.39 -23.40
CA CYS B 32 8.29 -3.15 -23.14
C CYS B 32 7.08 -3.03 -24.07
N ILE B 33 7.25 -3.37 -25.34
CA ILE B 33 6.14 -3.30 -26.28
C ILE B 33 5.06 -4.31 -25.94
N ASP B 34 5.46 -5.47 -25.42
CA ASP B 34 4.49 -6.49 -25.04
C ASP B 34 3.61 -6.00 -23.90
N CYS B 35 4.19 -5.32 -22.91
CA CYS B 35 3.44 -4.81 -21.77
C CYS B 35 2.93 -3.39 -21.98
N SER B 36 3.02 -2.86 -23.21
CA SER B 36 2.49 -1.55 -23.55
C SER B 36 3.11 -0.45 -22.69
N ALA B 37 4.43 -0.52 -22.51
CA ALA B 37 5.13 0.52 -21.78
C ALA B 37 5.05 1.85 -22.53
N ARG B 38 5.07 2.95 -21.77
CA ARG B 38 4.92 4.27 -22.34
C ARG B 38 5.99 5.21 -21.79
N HIS B 39 6.44 6.12 -22.64
CA HIS B 39 7.41 7.14 -22.25
C HIS B 39 6.69 8.36 -21.69
N ILE B 40 7.32 8.98 -20.70
CA ILE B 40 6.84 10.23 -20.13
C ILE B 40 8.04 11.09 -19.76
N ASN B 41 7.93 12.40 -19.99
CA ASN B 41 9.01 13.31 -19.68
C ASN B 41 9.02 13.65 -18.19
N ALA B 42 10.22 13.82 -17.65
CA ALA B 42 10.37 14.06 -16.22
C ALA B 42 9.67 15.36 -15.80
N GLN B 43 9.77 16.41 -16.62
CA GLN B 43 9.12 17.67 -16.27
C GLN B 43 7.61 17.54 -16.33
N VAL B 44 7.09 16.78 -17.29
CA VAL B 44 5.65 16.57 -17.39
C VAL B 44 5.15 15.73 -16.21
N ALA B 45 5.89 14.69 -15.84
CA ALA B 45 5.48 13.86 -14.71
C ALA B 45 5.51 14.64 -13.41
N LYS B 46 6.52 15.50 -13.23
CA LYS B 46 6.60 16.31 -12.02
C LYS B 46 5.46 17.32 -11.95
N SER B 47 4.98 17.79 -13.11
CA SER B 47 3.94 18.82 -13.11
C SER B 47 2.60 18.26 -12.66
N HIS B 48 2.33 16.98 -12.91
CA HIS B 48 1.08 16.34 -12.52
C HIS B 48 1.23 15.43 -11.32
N ASN B 49 2.41 15.41 -10.69
CA ASN B 49 2.69 14.52 -9.56
C ASN B 49 2.42 13.07 -9.94
N ILE B 50 2.85 12.69 -11.13
CA ILE B 50 2.65 11.34 -11.65
C ILE B 50 3.79 10.46 -11.17
N ALA B 51 3.45 9.26 -10.70
CA ALA B 51 4.44 8.28 -10.28
C ALA B 51 4.58 7.18 -11.32
N LEU B 52 5.71 6.48 -11.25
CA LEU B 52 5.93 5.31 -12.08
C LEU B 52 5.34 4.10 -11.35
N ILE B 53 4.29 3.52 -11.92
CA ILE B 53 3.60 2.39 -11.32
C ILE B 53 3.65 1.23 -12.32
N TRP B 54 4.45 0.22 -12.00
CA TRP B 54 4.65 -0.92 -12.88
C TRP B 54 3.98 -2.16 -12.30
N ASN B 55 3.32 -2.91 -13.18
CA ASN B 55 2.84 -4.25 -12.81
C ASN B 55 4.03 -5.15 -12.54
N VAL B 56 3.94 -5.96 -11.48
CA VAL B 56 5.07 -6.77 -11.05
C VAL B 56 5.48 -7.76 -12.14
N LYS B 57 4.51 -8.38 -12.79
CA LYS B 57 4.81 -9.31 -13.87
C LYS B 57 5.53 -8.62 -15.02
N ASP B 58 5.08 -7.41 -15.37
CA ASP B 58 5.67 -6.70 -16.49
C ASP B 58 7.08 -6.19 -16.14
N PHE B 59 7.28 -5.78 -14.88
CA PHE B 59 8.60 -5.32 -14.47
C PHE B 59 9.62 -6.45 -14.48
N MET B 60 9.25 -7.61 -13.92
CA MET B 60 10.16 -8.74 -13.89
C MET B 60 10.43 -9.32 -15.28
N SER B 61 9.55 -9.03 -16.25
CA SER B 61 9.79 -9.49 -17.61
C SER B 61 10.96 -8.76 -18.26
N LEU B 62 11.35 -7.60 -17.73
CA LEU B 62 12.51 -6.87 -18.22
C LEU B 62 13.80 -7.44 -17.63
N SER B 63 14.90 -7.15 -18.29
CA SER B 63 16.20 -7.56 -17.79
C SER B 63 16.54 -6.81 -16.51
N GLU B 64 17.54 -7.33 -15.78
CA GLU B 64 17.90 -6.73 -14.50
C GLU B 64 18.59 -5.37 -14.69
N GLN B 65 19.21 -5.16 -15.83
CA GLN B 65 19.86 -3.89 -16.10
C GLN B 65 18.82 -2.81 -16.32
N LEU B 66 17.88 -3.04 -17.21
CA LEU B 66 16.81 -2.07 -17.46
C LEU B 66 15.95 -1.88 -16.23
N ARG B 67 15.76 -2.93 -15.44
CA ARG B 67 15.00 -2.80 -14.20
C ARG B 67 15.68 -1.83 -13.25
N LYS B 68 17.02 -1.85 -13.20
CA LYS B 68 17.76 -0.92 -12.36
C LYS B 68 17.72 0.49 -12.94
N GLN B 69 17.83 0.61 -14.27
CA GLN B 69 17.86 1.92 -14.90
C GLN B 69 16.54 2.66 -14.71
N ILE B 70 15.42 1.96 -14.87
CA ILE B 70 14.11 2.57 -14.62
C ILE B 70 14.01 3.02 -13.17
N ARG B 71 14.50 2.19 -12.25
CA ARG B 71 14.48 2.56 -10.84
C ARG B 71 15.41 3.73 -10.56
N SER B 72 16.64 3.69 -11.12
CA SER B 72 17.54 4.83 -10.97
C SER B 72 16.99 6.07 -11.65
N ALA B 73 16.19 5.89 -12.71
CA ALA B 73 15.57 7.02 -13.40
C ALA B 73 14.71 7.84 -12.45
N ALA B 74 13.81 7.17 -11.72
CA ALA B 74 12.88 7.88 -10.85
C ALA B 74 13.61 8.57 -9.69
N LYS B 75 14.62 7.90 -9.11
CA LYS B 75 15.34 8.49 -7.98
C LYS B 75 16.14 9.71 -8.42
N LYS B 76 16.77 9.65 -9.60
CA LYS B 76 17.51 10.80 -10.10
C LYS B 76 16.61 12.00 -10.31
N ASN B 77 15.36 11.78 -10.72
CA ASN B 77 14.43 12.86 -11.03
C ASN B 77 13.44 13.13 -9.91
N ASN B 78 13.69 12.60 -8.71
CA ASN B 78 12.83 12.85 -7.54
C ASN B 78 11.38 12.44 -7.82
N LEU B 79 11.20 11.32 -8.51
CA LEU B 79 9.88 10.80 -8.80
C LEU B 79 9.68 9.45 -8.10
N PRO B 80 8.48 9.17 -7.61
CA PRO B 80 8.26 7.91 -6.90
C PRO B 80 8.05 6.76 -7.87
N PHE B 81 8.74 5.64 -7.62
CA PHE B 81 8.58 4.42 -8.38
C PHE B 81 7.79 3.42 -7.53
N LYS B 82 6.78 2.81 -8.13
CA LYS B 82 5.90 1.91 -7.39
C LYS B 82 5.65 0.65 -8.21
N LEU B 83 5.32 -0.43 -7.49
CA LEU B 83 4.92 -1.69 -8.10
C LEU B 83 3.51 -2.02 -7.66
N THR B 84 2.82 -2.81 -8.48
CA THR B 84 1.45 -3.21 -8.17
C THR B 84 1.16 -4.56 -8.79
N CYS B 85 0.35 -5.36 -8.11
CA CYS B 85 -0.08 -6.66 -8.63
C CYS B 85 -1.34 -6.55 -9.47
N ALA B 86 -1.92 -5.37 -9.59
CA ALA B 86 -3.13 -5.18 -10.37
C ALA B 86 -2.83 -5.25 -11.86
N THR B 87 -3.79 -5.78 -12.61
CA THR B 87 -3.65 -5.92 -14.06
C THR B 87 -4.28 -4.77 -14.84
N THR B 88 -5.18 -4.00 -14.22
CA THR B 88 -5.82 -2.90 -14.91
C THR B 88 -4.83 -1.78 -15.16
N ARG B 89 -4.97 -1.10 -16.30
CA ARG B 89 -4.09 -0.02 -16.69
C ARG B 89 -4.79 1.32 -16.55
N GLN B 90 -4.00 2.37 -16.30
CA GLN B 90 -4.53 3.72 -16.12
C GLN B 90 -3.45 4.69 -16.58
N VAL B 91 -3.61 5.20 -17.80
CA VAL B 91 -2.59 6.05 -18.41
C VAL B 91 -3.23 7.34 -18.91
N VAL B 92 -2.41 8.39 -18.99
CA VAL B 92 -2.81 9.66 -19.60
C VAL B 92 -2.18 9.67 -20.99
N ASN B 93 -2.98 9.38 -22.01
CA ASN B 93 -2.46 9.20 -23.35
C ASN B 93 -2.01 10.50 -23.99
N VAL B 94 -2.52 11.65 -23.55
CA VAL B 94 -2.22 12.89 -24.25
C VAL B 94 -0.86 13.47 -23.89
N VAL B 95 -0.28 13.10 -22.75
CA VAL B 95 1.03 13.58 -22.35
C VAL B 95 2.09 12.48 -22.35
N THR B 96 1.74 11.26 -22.74
CA THR B 96 2.70 10.17 -22.81
C THR B 96 2.85 9.69 -24.24
N THR B 97 3.93 8.95 -24.49
CA THR B 97 4.23 8.40 -25.80
C THR B 97 4.47 6.91 -25.66
N LYS B 98 3.71 6.11 -26.40
CA LYS B 98 3.87 4.67 -26.35
C LYS B 98 5.24 4.27 -26.88
N ILE B 99 5.84 3.28 -26.23
CA ILE B 99 7.13 2.77 -26.66
CA ILE B 99 7.13 2.76 -26.66
C ILE B 99 6.95 1.94 -27.92
N ALA B 100 7.74 2.22 -28.94
CA ALA B 100 7.61 1.57 -30.24
C ALA B 100 8.96 1.57 -30.94
N LEU B 101 9.01 0.90 -32.09
CA LEU B 101 10.20 0.91 -32.93
C LEU B 101 10.29 2.23 -33.68
N LYS B 102 11.51 2.75 -33.78
CA LYS B 102 11.75 4.00 -34.51
C LYS B 102 12.44 3.72 -35.85
N ASP C 3 4.36 5.38 11.91
CA ASP C 3 3.94 4.84 10.62
C ASP C 3 2.70 3.96 10.78
N ILE C 4 1.76 4.11 9.85
CA ILE C 4 0.54 3.30 9.81
C ILE C 4 0.54 2.54 8.49
N GLU C 5 0.69 1.23 8.56
CA GLU C 5 0.85 0.41 7.36
C GLU C 5 -0.49 0.24 6.65
N VAL C 6 -0.49 0.50 5.34
CA VAL C 6 -1.67 0.31 4.49
C VAL C 6 -1.28 -0.71 3.42
N THR C 7 -2.06 -1.78 3.32
CA THR C 7 -1.80 -2.87 2.39
C THR C 7 -3.04 -3.14 1.55
N GLY C 8 -2.87 -3.97 0.53
CA GLY C 8 -3.96 -4.49 -0.25
C GLY C 8 -4.47 -5.84 0.21
N ASP C 9 -4.08 -6.27 1.40
CA ASP C 9 -4.49 -7.58 1.91
C ASP C 9 -5.97 -7.59 2.25
N SER C 10 -6.56 -8.78 2.19
CA SER C 10 -7.92 -8.96 2.69
C SER C 10 -7.96 -8.74 4.19
N CYS C 11 -9.01 -8.08 4.66
CA CYS C 11 -9.12 -7.73 6.07
C CYS C 11 -9.57 -8.93 6.89
N ASN C 12 -9.30 -8.87 8.19
CA ASN C 12 -9.91 -9.79 9.14
C ASN C 12 -10.67 -9.09 10.25
N ASN C 13 -10.43 -7.79 10.48
CA ASN C 13 -11.09 -7.03 11.54
C ASN C 13 -10.94 -7.73 12.89
N TYR C 14 -9.76 -8.27 13.12
CA TYR C 14 -9.44 -8.93 14.39
C TYR C 14 -8.95 -7.91 15.41
N MET C 15 -9.32 -8.13 16.67
CA MET C 15 -8.73 -7.41 17.78
C MET C 15 -8.50 -8.38 18.93
N LEU C 16 -7.45 -8.10 19.71
CA LEU C 16 -7.10 -8.98 20.80
C LEU C 16 -8.16 -8.95 21.89
N THR C 17 -8.19 -10.03 22.68
CA THR C 17 -9.07 -10.08 23.83
C THR C 17 -8.70 -9.04 24.88
N TYR C 18 -7.54 -8.39 24.74
CA TYR C 18 -7.18 -7.27 25.60
C TYR C 18 -8.24 -6.18 25.56
N ASN C 19 -8.75 -5.85 24.37
CA ASN C 19 -9.82 -4.87 24.22
C ASN C 19 -11.13 -5.53 24.63
N LYS C 20 -11.60 -5.21 25.84
CA LYS C 20 -12.79 -5.84 26.40
C LYS C 20 -14.05 -5.10 25.96
N VAL C 21 -15.14 -5.86 25.84
CA VAL C 21 -16.44 -5.28 25.49
C VAL C 21 -16.92 -4.35 26.59
N GLU C 22 -16.61 -4.67 27.85
CA GLU C 22 -17.07 -3.86 28.98
C GLU C 22 -16.50 -2.44 28.97
N ASN C 23 -15.48 -2.16 28.17
CA ASN C 23 -14.89 -0.84 28.08
C ASN C 23 -15.33 -0.09 26.83
N MET C 24 -16.30 -0.61 26.09
CA MET C 24 -16.76 -0.02 24.84
C MET C 24 -18.14 0.60 25.00
N THR C 25 -18.45 1.54 24.11
CA THR C 25 -19.73 2.21 24.03
C THR C 25 -20.69 1.41 23.16
N PRO C 26 -22.00 1.65 23.27
CA PRO C 26 -22.94 0.97 22.38
C PRO C 26 -22.66 1.20 20.91
N ARG C 27 -22.19 2.39 20.54
CA ARG C 27 -21.86 2.65 19.14
C ARG C 27 -20.70 1.77 18.67
N ASP C 28 -19.66 1.65 19.49
CA ASP C 28 -18.52 0.82 19.13
C ASP C 28 -18.92 -0.66 19.11
N LEU C 29 -19.78 -1.08 20.05
CA LEU C 29 -20.24 -2.46 20.05
C LEU C 29 -21.09 -2.77 18.83
N GLY C 30 -22.00 -1.85 18.48
CA GLY C 30 -22.80 -2.05 17.27
C GLY C 30 -21.96 -2.01 16.00
N ALA C 31 -20.97 -1.13 15.95
CA ALA C 31 -20.10 -1.08 14.79
C ALA C 31 -19.24 -2.32 14.68
N CYS C 32 -18.92 -2.95 15.80
CA CYS C 32 -18.10 -4.17 15.77
C CYS C 32 -18.89 -5.35 15.22
N ILE C 33 -20.16 -5.48 15.62
CA ILE C 33 -20.98 -6.57 15.13
C ILE C 33 -21.36 -6.33 13.67
N ASP C 34 -21.54 -5.08 13.27
CA ASP C 34 -21.93 -4.79 11.90
C ASP C 34 -20.82 -5.11 10.91
N CYS C 35 -19.56 -5.02 11.32
CA CYS C 35 -18.43 -5.29 10.46
C CYS C 35 -17.80 -6.66 10.70
N SER C 36 -18.49 -7.53 11.43
CA SER C 36 -18.04 -8.91 11.68
C SER C 36 -16.63 -8.94 12.28
N ALA C 37 -16.42 -8.10 13.29
CA ALA C 37 -15.17 -8.13 14.03
C ALA C 37 -15.12 -9.34 14.95
N ARG C 38 -13.92 -9.86 15.17
CA ARG C 38 -13.73 -11.04 16.00
C ARG C 38 -12.62 -10.82 17.00
N HIS C 39 -12.77 -11.44 18.17
CA HIS C 39 -11.74 -11.45 19.20
C HIS C 39 -10.79 -12.61 18.97
N ILE C 40 -9.50 -12.36 19.16
CA ILE C 40 -8.47 -13.37 19.02
C ILE C 40 -7.54 -13.30 20.22
N ASN C 41 -7.14 -14.47 20.72
CA ASN C 41 -6.20 -14.52 21.84
C ASN C 41 -4.81 -14.10 21.36
N ALA C 42 -4.10 -13.38 22.22
CA ALA C 42 -2.79 -12.85 21.84
C ALA C 42 -1.79 -13.98 21.56
N GLN C 43 -1.82 -15.04 22.38
CA GLN C 43 -0.93 -16.16 22.14
C GLN C 43 -1.30 -16.91 20.85
N VAL C 44 -2.59 -16.97 20.53
CA VAL C 44 -3.01 -17.62 19.29
C VAL C 44 -2.56 -16.80 18.09
N ALA C 45 -2.68 -15.47 18.17
CA ALA C 45 -2.28 -14.62 17.05
C ALA C 45 -0.77 -14.68 16.83
N LYS C 46 0.00 -14.73 17.91
CA LYS C 46 1.46 -14.78 17.77
C LYS C 46 1.91 -16.13 17.21
N SER C 47 1.38 -17.23 17.75
CA SER C 47 1.80 -18.55 17.31
C SER C 47 1.40 -18.81 15.86
N HIS C 48 0.30 -18.20 15.41
CA HIS C 48 -0.15 -18.33 14.02
C HIS C 48 0.42 -17.24 13.12
N ASN C 49 1.18 -16.29 13.69
CA ASN C 49 1.72 -15.15 12.94
C ASN C 49 0.61 -14.39 12.21
N ILE C 50 -0.42 -14.03 12.97
CA ILE C 50 -1.60 -13.34 12.44
C ILE C 50 -1.46 -11.86 12.70
N ALA C 51 -1.69 -11.05 11.67
CA ALA C 51 -1.70 -9.61 11.79
C ALA C 51 -3.15 -9.12 11.91
N LEU C 52 -3.32 -7.99 12.58
CA LEU C 52 -4.62 -7.34 12.68
C LEU C 52 -4.79 -6.43 11.47
N ILE C 53 -5.58 -6.87 10.51
CA ILE C 53 -5.82 -6.14 9.27
C ILE C 53 -7.27 -5.68 9.27
N TRP C 54 -7.48 -4.37 9.34
CA TRP C 54 -8.80 -3.78 9.44
C TRP C 54 -9.17 -3.06 8.15
N ASN C 55 -10.42 -3.24 7.71
CA ASN C 55 -10.95 -2.45 6.61
C ASN C 55 -11.06 -0.99 7.03
N VAL C 56 -10.64 -0.10 6.13
CA VAL C 56 -10.56 1.33 6.47
C VAL C 56 -11.92 1.86 6.91
N LYS C 57 -12.98 1.51 6.18
CA LYS C 57 -14.31 1.98 6.53
C LYS C 57 -14.76 1.39 7.86
N ASP C 58 -14.48 0.10 8.08
CA ASP C 58 -14.86 -0.53 9.34
C ASP C 58 -14.08 0.06 10.50
N PHE C 59 -12.78 0.27 10.32
CA PHE C 59 -11.97 0.91 11.36
C PHE C 59 -12.44 2.33 11.64
N MET C 60 -12.90 3.04 10.61
CA MET C 60 -13.39 4.40 10.80
C MET C 60 -14.73 4.41 11.55
N SER C 61 -15.49 3.32 11.47
CA SER C 61 -16.77 3.26 12.15
C SER C 61 -16.63 3.20 13.66
N LEU C 62 -15.45 2.86 14.17
CA LEU C 62 -15.20 2.84 15.60
C LEU C 62 -14.81 4.21 16.10
N SER C 63 -15.02 4.44 17.40
CA SER C 63 -14.62 5.69 18.02
C SER C 63 -13.09 5.79 18.07
N GLU C 64 -12.60 7.02 18.22
CA GLU C 64 -11.17 7.23 18.37
C GLU C 64 -10.62 6.58 19.63
N GLN C 65 -11.47 6.38 20.64
CA GLN C 65 -11.04 5.67 21.84
C GLN C 65 -10.72 4.22 21.53
N LEU C 66 -11.66 3.51 20.90
CA LEU C 66 -11.41 2.12 20.54
C LEU C 66 -10.39 1.99 19.42
N ARG C 67 -10.33 2.96 18.52
CA ARG C 67 -9.34 2.93 17.46
C ARG C 67 -7.92 2.98 18.02
N LYS C 68 -7.69 3.82 19.05
CA LYS C 68 -6.38 3.89 19.67
C LYS C 68 -6.09 2.64 20.50
N GLN C 69 -7.12 2.11 21.18
CA GLN C 69 -6.90 0.97 22.06
C GLN C 69 -6.57 -0.30 21.27
N ILE C 70 -7.15 -0.45 20.08
CA ILE C 70 -6.86 -1.64 19.28
C ILE C 70 -5.42 -1.60 18.78
N ARG C 71 -4.96 -0.45 18.28
CA ARG C 71 -3.59 -0.34 17.82
C ARG C 71 -2.59 -0.44 18.97
N SER C 72 -2.95 0.13 20.13
CA SER C 72 -2.05 0.06 21.29
C SER C 72 -1.91 -1.37 21.78
N ALA C 73 -2.99 -2.15 21.74
CA ALA C 73 -2.90 -3.54 22.15
C ALA C 73 -2.04 -4.35 21.19
N ALA C 74 -2.17 -4.11 19.89
CA ALA C 74 -1.34 -4.80 18.91
C ALA C 74 0.14 -4.48 19.11
N LYS C 75 0.46 -3.21 19.35
CA LYS C 75 1.84 -2.82 19.58
C LYS C 75 2.35 -3.35 20.92
N LYS C 76 1.45 -3.57 21.88
CA LYS C 76 1.87 -4.04 23.20
C LYS C 76 2.37 -5.48 23.12
N ASN C 77 1.65 -6.34 22.40
CA ASN C 77 2.04 -7.74 22.23
C ASN C 77 2.81 -7.99 20.94
N ASN C 78 3.37 -6.93 20.35
CA ASN C 78 4.26 -7.05 19.19
C ASN C 78 3.56 -7.75 18.02
N LEU C 79 2.37 -7.26 17.68
CA LEU C 79 1.63 -7.74 16.54
C LEU C 79 1.38 -6.60 15.57
N PRO C 80 1.65 -6.77 14.28
CA PRO C 80 1.47 -5.65 13.34
C PRO C 80 -0.01 -5.35 13.13
N PHE C 81 -0.30 -4.04 13.03
CA PHE C 81 -1.63 -3.56 12.70
C PHE C 81 -1.58 -2.92 11.31
N LYS C 82 -2.56 -3.27 10.47
CA LYS C 82 -2.60 -2.79 9.10
C LYS C 82 -4.01 -2.36 8.75
N LEU C 83 -4.10 -1.47 7.76
CA LEU C 83 -5.37 -1.03 7.21
C LEU C 83 -5.44 -1.39 5.73
N THR C 84 -6.66 -1.51 5.23
CA THR C 84 -6.88 -1.90 3.85
C THR C 84 -8.26 -1.41 3.41
N CYS C 85 -8.40 -1.16 2.11
CA CYS C 85 -9.70 -0.85 1.54
C CYS C 85 -10.39 -2.07 0.95
N ALA C 86 -9.73 -3.22 0.95
CA ALA C 86 -10.37 -4.44 0.46
C ALA C 86 -11.52 -4.83 1.37
N THR C 87 -12.63 -5.26 0.77
CA THR C 87 -13.77 -5.77 1.50
C THR C 87 -13.75 -7.29 1.63
N THR C 88 -12.87 -7.97 0.91
CA THR C 88 -12.71 -9.40 1.06
C THR C 88 -12.11 -9.73 2.42
N ARG C 89 -12.35 -10.96 2.88
CA ARG C 89 -11.93 -11.42 4.19
C ARG C 89 -10.81 -12.44 4.07
N GLN C 90 -10.02 -12.54 5.14
CA GLN C 90 -9.00 -13.57 5.22
C GLN C 90 -9.64 -14.95 5.29
N VAL C 91 -9.01 -15.93 4.64
CA VAL C 91 -9.50 -17.29 4.62
C VAL C 91 -8.65 -18.23 5.46
N VAL C 92 -7.63 -17.71 6.14
CA VAL C 92 -6.78 -18.54 6.98
C VAL C 92 -7.57 -19.08 8.16
N ASN C 93 -7.35 -20.35 8.49
CA ASN C 93 -8.05 -21.01 9.58
C ASN C 93 -7.37 -20.66 10.90
N VAL C 94 -8.03 -19.83 11.71
CA VAL C 94 -7.53 -19.47 13.03
C VAL C 94 -8.73 -19.30 13.96
N VAL C 95 -8.62 -19.83 15.17
CA VAL C 95 -9.73 -19.80 16.11
C VAL C 95 -9.96 -18.37 16.59
N THR C 96 -11.16 -17.87 16.38
CA THR C 96 -11.57 -16.55 16.84
C THR C 96 -12.93 -16.65 17.52
N THR C 97 -13.24 -15.66 18.34
CA THR C 97 -14.47 -15.62 19.11
C THR C 97 -15.27 -14.39 18.69
N LYS C 98 -16.58 -14.57 18.48
CA LYS C 98 -17.45 -13.46 18.13
C LYS C 98 -17.50 -12.46 19.27
N ILE C 99 -17.58 -11.18 18.92
CA ILE C 99 -17.60 -10.10 19.91
C ILE C 99 -19.01 -10.01 20.50
N ALA C 100 -19.10 -10.20 21.82
CA ALA C 100 -20.38 -10.14 22.51
C ALA C 100 -20.12 -9.83 23.97
N LEU C 101 -21.21 -9.60 24.70
CA LEU C 101 -21.12 -9.31 26.12
C LEU C 101 -20.82 -10.57 26.93
N LYS C 102 -20.17 -10.39 28.06
CA LYS C 102 -19.81 -11.50 28.94
C LYS C 102 -21.05 -12.17 29.52
N ASP D 3 11.05 -17.94 -16.09
CA ASP D 3 10.45 -16.71 -15.61
C ASP D 3 9.66 -16.94 -14.33
N ILE D 4 9.71 -15.96 -13.42
CA ILE D 4 9.04 -16.07 -12.13
C ILE D 4 7.53 -15.91 -12.32
N GLU D 5 6.77 -16.22 -11.28
CA GLU D 5 5.31 -16.17 -11.33
C GLU D 5 4.80 -15.38 -10.14
N VAL D 6 3.90 -14.44 -10.40
CA VAL D 6 3.28 -13.65 -9.35
C VAL D 6 2.03 -14.36 -8.87
N THR D 7 1.93 -14.56 -7.55
CA THR D 7 0.82 -15.28 -6.95
C THR D 7 0.10 -14.40 -5.94
N GLY D 8 -1.10 -14.82 -5.56
CA GLY D 8 -1.85 -14.21 -4.49
C GLY D 8 -1.71 -14.91 -3.16
N ASP D 9 -0.87 -15.94 -3.07
CA ASP D 9 -0.70 -16.70 -1.84
C ASP D 9 0.04 -15.86 -0.80
N SER D 10 -0.06 -16.30 0.46
CA SER D 10 0.69 -15.67 1.53
C SER D 10 2.18 -15.93 1.36
N CYS D 11 2.99 -14.98 1.86
CA CYS D 11 4.43 -15.06 1.70
C CYS D 11 5.07 -15.79 2.87
N ASN D 12 6.23 -16.41 2.60
CA ASN D 12 7.05 -17.00 3.64
C ASN D 12 8.46 -16.42 3.72
N ASN D 13 8.92 -15.75 2.65
CA ASN D 13 10.26 -15.15 2.62
C ASN D 13 11.34 -16.17 2.96
N TYR D 14 11.22 -17.36 2.39
CA TYR D 14 12.17 -18.43 2.66
C TYR D 14 13.48 -18.20 1.93
N MET D 15 14.59 -18.48 2.62
CA MET D 15 15.91 -18.53 2.01
C MET D 15 16.53 -19.89 2.30
N LEU D 16 16.95 -20.58 1.23
CA LEU D 16 17.49 -21.93 1.37
C LEU D 16 18.92 -21.85 1.91
N THR D 17 19.13 -22.46 3.07
CA THR D 17 20.45 -22.56 3.67
C THR D 17 20.84 -24.02 3.80
N TYR D 18 22.15 -24.27 3.82
CA TYR D 18 22.68 -25.59 4.07
C TYR D 18 23.09 -25.80 5.51
N ASN D 19 22.75 -24.85 6.39
CA ASN D 19 23.01 -25.02 7.81
C ASN D 19 22.21 -26.18 8.38
N LYS D 20 22.77 -26.89 9.34
CA LYS D 20 22.05 -28.02 9.92
C LYS D 20 20.94 -27.56 10.83
N VAL D 21 19.93 -28.39 10.95
CA VAL D 21 18.70 -28.02 11.65
C VAL D 21 18.93 -27.88 13.14
N GLU D 22 19.87 -28.64 13.71
CA GLU D 22 20.17 -28.53 15.13
C GLU D 22 20.98 -27.29 15.47
N ASN D 23 21.55 -26.60 14.48
CA ASN D 23 22.31 -25.38 14.69
C ASN D 23 21.50 -24.12 14.41
N MET D 24 20.27 -24.25 13.91
CA MET D 24 19.42 -23.11 13.65
C MET D 24 18.47 -22.89 14.82
N THR D 25 18.14 -21.63 15.08
CA THR D 25 17.25 -21.27 16.16
C THR D 25 16.04 -20.51 15.62
N PRO D 26 14.82 -20.84 16.05
CA PRO D 26 13.59 -20.16 15.61
C PRO D 26 13.56 -18.70 16.05
N CYS D 35 10.98 -6.99 6.26
CA CYS D 35 11.56 -8.13 5.56
C CYS D 35 11.16 -9.44 6.23
N SER D 36 11.84 -9.75 7.35
CA SER D 36 11.59 -10.96 8.12
C SER D 36 11.75 -12.21 7.26
N ALA D 37 12.97 -12.41 6.78
CA ALA D 37 13.31 -13.60 6.00
C ALA D 37 13.52 -14.78 6.92
N ARG D 38 12.94 -15.92 6.54
CA ARG D 38 12.99 -17.14 7.34
C ARG D 38 13.95 -18.13 6.71
N HIS D 39 14.90 -18.62 7.51
CA HIS D 39 15.87 -19.60 7.03
C HIS D 39 15.26 -21.00 7.09
N ILE D 40 15.40 -21.74 6.00
CA ILE D 40 14.93 -23.12 5.92
C ILE D 40 16.04 -23.98 5.36
N ASN D 41 16.20 -25.18 5.93
CA ASN D 41 17.23 -26.10 5.48
C ASN D 41 16.90 -26.62 4.09
N ALA D 42 17.94 -26.72 3.25
CA ALA D 42 17.73 -27.07 1.85
C ALA D 42 17.17 -28.48 1.70
N GLN D 43 17.71 -29.43 2.46
CA GLN D 43 17.23 -30.81 2.38
C GLN D 43 15.78 -30.92 2.85
N VAL D 44 15.42 -30.17 3.89
CA VAL D 44 14.03 -30.16 4.35
C VAL D 44 13.13 -29.53 3.29
N ALA D 45 13.60 -28.45 2.66
CA ALA D 45 12.81 -27.77 1.64
C ALA D 45 12.62 -28.67 0.41
N LYS D 46 13.67 -29.39 0.01
CA LYS D 46 13.58 -30.22 -1.18
C LYS D 46 12.64 -31.40 -0.97
N SER D 47 12.71 -32.04 0.21
CA SER D 47 11.88 -33.21 0.47
C SER D 47 10.39 -32.86 0.51
N HIS D 48 10.05 -31.65 0.96
CA HIS D 48 8.67 -31.21 1.02
C HIS D 48 8.24 -30.42 -0.22
N ASN D 49 9.17 -30.09 -1.10
CA ASN D 49 8.88 -29.38 -2.34
C ASN D 49 8.15 -28.05 -2.08
N ILE D 50 8.60 -27.33 -1.05
CA ILE D 50 7.96 -26.06 -0.72
C ILE D 50 8.35 -25.01 -1.76
N ALA D 51 7.56 -23.95 -1.81
CA ALA D 51 7.79 -22.85 -2.73
C ALA D 51 8.33 -21.64 -1.97
N LEU D 52 9.26 -20.93 -2.59
CA LEU D 52 9.81 -19.69 -2.03
C LEU D 52 8.91 -18.54 -2.46
N ILE D 53 7.93 -18.22 -1.62
CA ILE D 53 6.98 -17.15 -1.89
C ILE D 53 7.45 -15.90 -1.16
N TRP D 54 7.87 -14.89 -1.91
CA TRP D 54 8.46 -13.68 -1.35
C TRP D 54 7.54 -12.49 -1.59
N ASN D 55 7.30 -11.72 -0.52
CA ASN D 55 6.57 -10.47 -0.65
C ASN D 55 7.36 -9.52 -1.54
N VAL D 56 6.63 -8.79 -2.40
CA VAL D 56 7.28 -7.92 -3.37
C VAL D 56 8.11 -6.85 -2.68
N LYS D 57 7.55 -6.21 -1.65
CA LYS D 57 8.28 -5.16 -0.93
C LYS D 57 9.53 -5.73 -0.26
N ASP D 58 9.41 -6.90 0.36
CA ASP D 58 10.55 -7.47 1.07
C ASP D 58 11.64 -7.92 0.11
N PHE D 59 11.25 -8.59 -0.98
CA PHE D 59 12.23 -9.09 -1.94
C PHE D 59 12.96 -7.94 -2.63
N MET D 60 12.23 -6.86 -2.96
CA MET D 60 12.85 -5.72 -3.63
C MET D 60 13.61 -4.82 -2.68
N SER D 61 13.34 -4.90 -1.37
CA SER D 61 14.11 -4.12 -0.41
C SER D 61 15.54 -4.62 -0.29
N LEU D 62 15.75 -5.93 -0.43
CA LEU D 62 17.10 -6.48 -0.39
C LEU D 62 17.88 -6.04 -1.62
N SER D 63 19.19 -5.92 -1.46
CA SER D 63 20.04 -5.53 -2.57
C SER D 63 20.11 -6.65 -3.61
N GLU D 64 20.65 -6.31 -4.78
CA GLU D 64 20.70 -7.27 -5.88
C GLU D 64 21.58 -8.47 -5.53
N GLN D 65 22.59 -8.27 -4.68
CA GLN D 65 23.47 -9.37 -4.31
C GLN D 65 22.70 -10.46 -3.55
N LEU D 66 21.79 -10.05 -2.66
CA LEU D 66 20.96 -11.02 -1.96
C LEU D 66 19.83 -11.54 -2.84
N ARG D 67 19.34 -10.72 -3.77
CA ARG D 67 18.23 -11.14 -4.62
C ARG D 67 18.63 -12.30 -5.53
N LYS D 68 19.87 -12.27 -6.02
CA LYS D 68 20.31 -13.34 -6.92
C LYS D 68 20.57 -14.64 -6.16
N GLN D 69 21.02 -14.56 -4.91
CA GLN D 69 21.32 -15.77 -4.15
C GLN D 69 20.06 -16.56 -3.84
N ILE D 70 18.98 -15.88 -3.47
CA ILE D 70 17.73 -16.57 -3.19
C ILE D 70 17.17 -17.19 -4.46
N ARG D 71 17.25 -16.48 -5.59
CA ARG D 71 16.71 -17.01 -6.83
C ARG D 71 17.58 -18.15 -7.36
N SER D 72 18.91 -18.01 -7.29
CA SER D 72 19.80 -19.04 -7.80
C SER D 72 19.68 -20.32 -6.99
N ALA D 73 19.58 -20.20 -5.66
CA ALA D 73 19.45 -21.38 -4.82
C ALA D 73 18.12 -22.10 -5.06
N ALA D 74 17.08 -21.36 -5.42
CA ALA D 74 15.79 -22.00 -5.72
C ALA D 74 15.90 -22.88 -6.95
N LYS D 75 16.53 -22.37 -8.01
CA LYS D 75 16.70 -23.16 -9.23
C LYS D 75 17.81 -24.20 -9.07
N LYS D 76 18.79 -23.93 -8.21
CA LYS D 76 19.87 -24.90 -8.00
C LYS D 76 19.34 -26.17 -7.36
N ASN D 77 18.38 -26.05 -6.45
CA ASN D 77 17.78 -27.20 -5.77
C ASN D 77 16.44 -27.58 -6.37
N ASN D 78 16.05 -26.96 -7.49
CA ASN D 78 14.80 -27.27 -8.20
C ASN D 78 13.58 -26.96 -7.33
N LEU D 79 13.54 -25.76 -6.78
CA LEU D 79 12.39 -25.28 -6.05
C LEU D 79 11.78 -24.07 -6.74
N PRO D 80 10.46 -23.92 -6.70
CA PRO D 80 9.82 -22.77 -7.35
C PRO D 80 9.97 -21.50 -6.53
N PHE D 81 10.18 -20.38 -7.24
CA PHE D 81 10.28 -19.07 -6.62
C PHE D 81 9.12 -18.22 -7.10
N LYS D 82 8.34 -17.68 -6.16
CA LYS D 82 7.17 -16.88 -6.48
C LYS D 82 7.22 -15.55 -5.74
N LEU D 83 6.59 -14.54 -6.35
CA LEU D 83 6.42 -13.24 -5.73
C LEU D 83 4.94 -13.00 -5.46
N THR D 84 4.65 -12.29 -4.38
CA THR D 84 3.27 -11.99 -4.00
C THR D 84 3.19 -10.59 -3.41
N CYS D 85 2.06 -9.94 -3.64
CA CYS D 85 1.79 -8.62 -3.08
C CYS D 85 1.19 -8.70 -1.69
N ALA D 86 0.74 -9.88 -1.26
CA ALA D 86 0.16 -10.03 0.07
C ALA D 86 1.23 -9.96 1.13
N THR D 87 0.97 -9.20 2.19
CA THR D 87 1.89 -9.08 3.31
C THR D 87 1.58 -10.08 4.42
N THR D 88 0.50 -10.84 4.31
CA THR D 88 0.19 -11.86 5.30
C THR D 88 1.22 -12.98 5.22
N ARG D 89 1.71 -13.41 6.39
CA ARG D 89 2.72 -14.45 6.49
C ARG D 89 2.10 -15.74 6.99
N GLN D 90 2.35 -16.83 6.27
CA GLN D 90 1.86 -18.14 6.67
C GLN D 90 2.71 -18.69 7.81
#